data_3WWD
#
_entry.id   3WWD
#
_cell.length_a   58.516
_cell.length_b   65.281
_cell.length_c   84.167
_cell.angle_alpha   90.00
_cell.angle_beta   90.00
_cell.angle_gamma   90.00
#
_symmetry.space_group_name_H-M   'P 21 21 21'
#
loop_
_entity.id
_entity.type
_entity.pdbx_description
1 polymer 'Oxidized polyvinyl alcohol hydrolase'
2 non-polymer 'CITRIC ACID'
3 non-polymer 'DIMETHYL SULFOXIDE'
4 water water
#
_entity_poly.entity_id   1
_entity_poly.type   'polypeptide(L)'
_entity_poly.pdbx_seq_one_letter_code
;AGAGADRTAATPAAANPAATEPVKWECPAGYEVKEGLNVDFPHKGMKRAFIVYPAKNVSGPAPVWVPMTGSVESTNDNLT
VARSGANSILADHGYTVIAPVRACANQDPNIRGERCNGPGSNGWNWNPWFEGRAADPSGEHWKNDEGPDSSFFVAMVQCV
GTKYKLDARRLFLGGI(OCS)SGGTMTNRALLFRSNFWAGGLPISGEWYVTSDDGTPLSFDDARAAVAAAPTKIHQGRVG
PYPLPAKVGPLIVMTVWGGEKDLWNCTRPDGSRFLCADYRPSTQAGSNFFSAQPDVVHVACSSTHGHMWPQLNTQEFNRW
ALDTLASHPKGSDPRSFKLTQPPEGYTCHVGPFTGLYASAWSHPQFEK
;
_entity_poly.pdbx_strand_id   A
#
# COMPACT_ATOMS: atom_id res chain seq x y z
N VAL A 23 20.45 -3.10 1.03
CA VAL A 23 19.82 -2.96 2.38
C VAL A 23 20.85 -3.03 3.50
N LYS A 24 20.65 -2.19 4.52
CA LYS A 24 21.55 -2.12 5.67
C LYS A 24 20.79 -2.51 6.94
N TRP A 25 21.25 -3.54 7.63
CA TRP A 25 20.59 -3.98 8.86
C TRP A 25 21.10 -3.17 10.05
N GLU A 26 20.24 -2.30 10.59
CA GLU A 26 20.63 -1.44 11.70
C GLU A 26 19.42 -0.94 12.47
N CYS A 27 19.63 -0.66 13.76
CA CYS A 27 18.57 -0.16 14.63
C CYS A 27 19.02 1.12 15.30
N PRO A 28 18.07 1.93 15.80
CA PRO A 28 18.46 3.15 16.48
C PRO A 28 19.26 2.67 17.68
N ALA A 29 20.32 3.39 18.02
CA ALA A 29 21.19 2.99 19.13
C ALA A 29 20.44 2.51 20.36
N GLY A 30 20.71 1.26 20.74
CA GLY A 30 20.10 0.68 21.92
C GLY A 30 18.70 0.12 21.77
N TYR A 31 18.07 0.28 20.61
CA TYR A 31 16.73 -0.25 20.44
C TYR A 31 16.77 -1.77 20.35
N GLU A 32 16.02 -2.42 21.23
CA GLU A 32 15.99 -3.88 21.29
C GLU A 32 14.71 -4.41 20.65
N VAL A 33 14.84 -4.96 19.45
CA VAL A 33 13.70 -5.51 18.73
C VAL A 33 13.24 -6.80 19.36
N LYS A 34 11.93 -7.03 19.36
CA LYS A 34 11.41 -8.25 19.94
C LYS A 34 10.21 -8.77 19.15
N GLU A 35 9.88 -10.03 19.39
CA GLU A 35 8.73 -10.64 18.74
C GLU A 35 7.50 -10.00 19.37
N GLY A 36 6.48 -9.74 18.56
CA GLY A 36 5.27 -9.13 19.09
C GLY A 36 5.30 -7.62 18.97
N LEU A 37 4.71 -6.94 19.95
CA LEU A 37 4.63 -5.49 19.94
C LEU A 37 5.92 -4.77 20.33
N ASN A 38 6.33 -3.84 19.46
CA ASN A 38 7.53 -3.02 19.67
C ASN A 38 7.04 -1.58 19.77
N VAL A 39 7.42 -0.89 20.84
CA VAL A 39 6.99 0.49 21.02
C VAL A 39 8.15 1.47 21.18
N ASP A 40 7.81 2.76 21.17
CA ASP A 40 8.79 3.82 21.32
C ASP A 40 9.97 3.73 20.37
N PHE A 41 9.69 3.33 19.12
CA PHE A 41 10.74 3.25 18.11
C PHE A 41 10.92 4.71 17.67
N PRO A 42 12.13 5.27 17.85
CA PRO A 42 12.37 6.66 17.47
C PRO A 42 12.59 6.88 15.98
N HIS A 43 11.81 7.81 15.41
CA HIS A 43 11.95 8.15 14.00
C HIS A 43 11.42 9.55 13.69
N LYS A 44 12.32 10.41 13.22
CA LYS A 44 11.98 11.79 12.86
C LYS A 44 11.16 12.53 13.92
N GLY A 45 11.63 12.47 15.16
CA GLY A 45 10.94 13.17 16.24
C GLY A 45 9.69 12.48 16.77
N MET A 46 9.30 11.37 16.17
CA MET A 46 8.12 10.65 16.61
C MET A 46 8.50 9.35 17.30
N LYS A 47 7.56 8.81 18.08
CA LYS A 47 7.73 7.54 18.79
C LYS A 47 6.74 6.61 18.08
N ARG A 48 7.26 5.59 17.39
CA ARG A 48 6.42 4.67 16.64
C ARG A 48 6.37 3.26 17.20
N ALA A 49 5.38 2.49 16.75
CA ALA A 49 5.22 1.11 17.20
C ALA A 49 4.92 0.20 16.01
N PHE A 50 5.26 -1.08 16.16
CA PHE A 50 5.02 -2.05 15.12
C PHE A 50 5.00 -3.44 15.75
N ILE A 51 4.37 -4.39 15.06
CA ILE A 51 4.27 -5.75 15.56
C ILE A 51 4.98 -6.74 14.64
N VAL A 52 5.77 -7.63 15.24
CA VAL A 52 6.53 -8.61 14.48
C VAL A 52 6.08 -10.07 14.70
N TYR A 53 5.87 -10.79 13.60
CA TYR A 53 5.50 -12.20 13.65
C TYR A 53 6.55 -12.91 12.81
N PRO A 54 7.54 -13.54 13.45
CA PRO A 54 8.60 -14.26 12.73
C PRO A 54 8.05 -15.37 11.84
N ALA A 55 8.66 -15.55 10.66
CA ALA A 55 8.23 -16.58 9.74
C ALA A 55 8.33 -17.98 10.33
N LYS A 56 7.39 -18.85 9.96
CA LYS A 56 7.37 -20.23 10.43
C LYS A 56 7.82 -21.19 9.33
N ASN A 57 8.45 -22.29 9.73
CA ASN A 57 8.94 -23.31 8.80
C ASN A 57 9.92 -22.80 7.75
N VAL A 58 10.73 -21.80 8.12
CA VAL A 58 11.69 -21.25 7.18
C VAL A 58 13.12 -21.25 7.72
N SER A 59 14.04 -21.74 6.91
CA SER A 59 15.45 -21.76 7.28
C SER A 59 16.13 -20.73 6.39
N GLY A 60 16.93 -19.85 7.00
CA GLY A 60 17.62 -18.83 6.23
C GLY A 60 16.75 -17.59 6.10
N PRO A 61 17.18 -16.60 5.31
CA PRO A 61 16.43 -15.35 5.11
C PRO A 61 14.99 -15.59 4.66
N ALA A 62 14.06 -14.96 5.36
CA ALA A 62 12.64 -15.13 5.04
C ALA A 62 12.09 -13.92 4.32
N PRO A 63 11.10 -14.14 3.42
CA PRO A 63 10.51 -13.01 2.72
C PRO A 63 9.75 -12.19 3.75
N VAL A 64 9.56 -10.91 3.47
CA VAL A 64 8.89 -10.00 4.41
C VAL A 64 7.57 -9.44 3.91
N TRP A 65 6.60 -9.37 4.81
CA TRP A 65 5.27 -8.82 4.50
C TRP A 65 4.98 -7.71 5.51
N VAL A 66 4.76 -6.50 4.99
CA VAL A 66 4.47 -5.33 5.82
C VAL A 66 3.04 -4.88 5.50
N PRO A 67 2.06 -5.42 6.22
CA PRO A 67 0.64 -5.10 6.03
C PRO A 67 0.22 -3.83 6.76
N MET A 68 -0.60 -3.04 6.10
CA MET A 68 -1.07 -1.79 6.67
C MET A 68 -2.59 -1.71 6.66
N THR A 69 -3.18 -1.36 7.79
CA THR A 69 -4.62 -1.24 7.89
C THR A 69 -5.09 0.04 7.20
N GLY A 70 -6.39 0.29 7.27
CA GLY A 70 -6.96 1.47 6.64
C GLY A 70 -7.36 2.57 7.61
N SER A 71 -8.50 3.20 7.32
CA SER A 71 -9.00 4.31 8.12
C SER A 71 -9.70 3.94 9.42
N VAL A 72 -10.44 2.84 9.41
CA VAL A 72 -11.19 2.42 10.58
C VAL A 72 -10.68 1.16 11.29
N GLU A 73 -10.28 0.14 10.53
CA GLU A 73 -9.80 -1.09 11.15
C GLU A 73 -8.51 -0.86 11.91
N SER A 74 -8.41 -1.45 13.10
CA SER A 74 -7.19 -1.30 13.90
C SER A 74 -6.10 -2.16 13.29
N THR A 75 -4.86 -1.95 13.71
CA THR A 75 -3.77 -2.75 13.19
C THR A 75 -4.02 -4.20 13.66
N ASN A 76 -4.55 -4.34 14.87
CA ASN A 76 -4.85 -5.67 15.40
C ASN A 76 -5.95 -6.34 14.56
N ASP A 77 -6.92 -5.55 14.09
CA ASP A 77 -7.99 -6.12 13.26
C ASP A 77 -7.35 -6.64 11.98
N ASN A 78 -6.57 -5.78 11.33
CA ASN A 78 -5.89 -6.11 10.10
C ASN A 78 -5.01 -7.34 10.23
N LEU A 79 -4.48 -7.55 11.43
CA LEU A 79 -3.60 -8.69 11.69
C LEU A 79 -4.26 -9.98 12.19
N THR A 80 -5.34 -9.84 12.94
CA THR A 80 -5.97 -11.02 13.54
C THR A 80 -7.42 -11.34 13.23
N VAL A 81 -8.15 -10.39 12.66
CA VAL A 81 -9.56 -10.62 12.34
C VAL A 81 -9.71 -11.08 10.89
N ALA A 82 -10.34 -12.24 10.72
CA ALA A 82 -10.53 -12.83 9.40
C ALA A 82 -11.11 -11.89 8.35
N ARG A 83 -12.20 -11.20 8.69
CA ARG A 83 -12.83 -10.30 7.72
C ARG A 83 -11.98 -9.09 7.40
N SER A 84 -10.93 -8.87 8.19
CA SER A 84 -10.03 -7.75 7.97
C SER A 84 -8.72 -8.20 7.33
N GLY A 85 -8.61 -9.49 7.03
CA GLY A 85 -7.41 -10.01 6.40
C GLY A 85 -6.55 -10.95 7.22
N ALA A 86 -6.66 -10.89 8.54
CA ALA A 86 -5.86 -11.73 9.43
C ALA A 86 -4.46 -11.88 8.86
N ASN A 87 -3.82 -10.75 8.60
CA ASN A 87 -2.48 -10.73 8.00
C ASN A 87 -1.35 -11.37 8.78
N SER A 88 -1.52 -11.55 10.09
CA SER A 88 -0.46 -12.17 10.89
C SER A 88 -0.33 -13.64 10.52
N ILE A 89 -1.36 -14.20 9.90
CA ILE A 89 -1.35 -15.61 9.52
C ILE A 89 -0.33 -15.89 8.41
N LEU A 90 0.12 -14.86 7.72
CA LEU A 90 1.10 -15.07 6.67
C LEU A 90 2.42 -15.55 7.29
N ALA A 91 2.58 -15.36 8.59
CA ALA A 91 3.78 -15.84 9.27
C ALA A 91 3.76 -17.37 9.23
N ASP A 92 2.56 -17.94 9.32
CA ASP A 92 2.41 -19.39 9.27
C ASP A 92 2.66 -19.87 7.84
N HIS A 93 2.75 -18.92 6.92
CA HIS A 93 2.97 -19.23 5.52
C HIS A 93 4.42 -19.01 5.10
N GLY A 94 5.28 -18.70 6.06
CA GLY A 94 6.69 -18.51 5.75
C GLY A 94 7.16 -17.08 5.51
N TYR A 95 6.42 -16.11 6.01
CA TYR A 95 6.80 -14.71 5.86
C TYR A 95 6.97 -14.08 7.22
N THR A 96 7.98 -13.23 7.37
CA THR A 96 8.13 -12.53 8.64
C THR A 96 7.28 -11.29 8.43
N VAL A 97 6.24 -11.17 9.25
CA VAL A 97 5.30 -10.06 9.18
C VAL A 97 5.70 -8.93 10.11
N ILE A 98 5.87 -7.74 9.55
CA ILE A 98 6.25 -6.56 10.31
C ILE A 98 5.17 -5.52 10.02
N ALA A 99 4.24 -5.38 10.97
CA ALA A 99 3.10 -4.48 10.81
C ALA A 99 3.20 -3.19 11.60
N PRO A 100 3.25 -2.06 10.89
CA PRO A 100 3.35 -0.75 11.54
C PRO A 100 2.02 -0.22 12.07
N VAL A 101 2.08 0.48 13.19
CA VAL A 101 0.90 1.09 13.79
C VAL A 101 0.83 2.52 13.25
N ARG A 102 -0.37 3.00 12.96
CA ARG A 102 -0.55 4.35 12.45
C ARG A 102 -0.11 5.40 13.47
N ALA A 103 0.49 6.49 12.99
CA ALA A 103 0.94 7.54 13.88
C ALA A 103 -0.21 8.11 14.71
N CYS A 104 -1.36 8.32 14.05
CA CYS A 104 -2.55 8.86 14.70
C CYS A 104 -3.04 7.98 15.87
N ALA A 105 -2.69 6.70 15.85
CA ALA A 105 -3.13 5.78 16.90
C ALA A 105 -2.30 5.89 18.18
N ASN A 106 -1.28 6.74 18.16
CA ASN A 106 -0.44 6.94 19.33
C ASN A 106 0.07 5.62 19.92
N GLN A 107 0.58 4.78 19.03
CA GLN A 107 1.15 3.48 19.38
C GLN A 107 0.21 2.39 19.87
N ASP A 108 -1.09 2.65 19.84
CA ASP A 108 -2.09 1.67 20.27
C ASP A 108 -2.55 0.85 19.08
N PRO A 109 -2.15 -0.43 19.01
CA PRO A 109 -2.56 -1.28 17.88
C PRO A 109 -4.04 -1.61 17.84
N ASN A 110 -4.78 -1.19 18.87
CA ASN A 110 -6.21 -1.47 18.90
C ASN A 110 -7.08 -0.29 18.51
N ILE A 111 -6.47 0.90 18.39
CA ILE A 111 -7.23 2.07 17.97
C ILE A 111 -7.83 1.77 16.60
N ARG A 112 -9.09 2.14 16.41
CA ARG A 112 -9.75 1.92 15.14
C ARG A 112 -9.85 3.24 14.37
N GLY A 113 -11.01 3.89 14.42
CA GLY A 113 -11.14 5.15 13.71
C GLY A 113 -10.92 6.37 14.58
N GLU A 114 -10.79 6.16 15.89
CA GLU A 114 -10.62 7.28 16.82
C GLU A 114 -9.39 8.12 16.53
N ARG A 115 -9.62 9.39 16.22
CA ARG A 115 -8.54 10.34 15.93
C ARG A 115 -7.66 9.92 14.75
N CYS A 116 -8.19 9.02 13.92
CA CYS A 116 -7.46 8.53 12.75
C CYS A 116 -8.29 8.66 11.48
N ASN A 117 -9.57 8.32 11.58
CA ASN A 117 -10.48 8.34 10.43
C ASN A 117 -10.99 9.73 10.07
N GLY A 118 -10.16 10.47 9.33
CA GLY A 118 -10.54 11.80 8.92
C GLY A 118 -9.42 12.53 8.19
N PRO A 119 -9.66 13.76 7.76
CA PRO A 119 -8.69 14.59 7.04
C PRO A 119 -7.37 14.72 7.79
N GLY A 120 -6.28 14.80 7.05
CA GLY A 120 -4.98 14.93 7.68
C GLY A 120 -4.64 16.37 8.02
N SER A 121 -3.48 16.55 8.63
CA SER A 121 -3.00 17.88 9.03
C SER A 121 -1.56 18.04 8.55
N ASN A 122 -1.01 19.22 8.75
CA ASN A 122 0.36 19.53 8.38
C ASN A 122 0.70 19.22 6.92
N GLY A 123 -0.24 19.49 6.02
CA GLY A 123 -0.01 19.27 4.61
C GLY A 123 -0.41 17.92 4.07
N TRP A 124 -0.88 17.03 4.95
CA TRP A 124 -1.29 15.70 4.54
C TRP A 124 -2.78 15.64 4.25
N ASN A 125 -3.14 14.84 3.25
CA ASN A 125 -4.54 14.72 2.86
C ASN A 125 -5.43 13.92 3.79
N TRP A 126 -4.94 12.76 4.22
CA TRP A 126 -5.70 11.85 5.07
C TRP A 126 -4.87 11.47 6.30
N ASN A 127 -5.52 11.45 7.46
CA ASN A 127 -4.84 11.18 8.73
C ASN A 127 -4.30 9.78 9.09
N PRO A 128 -4.89 8.70 8.56
CA PRO A 128 -4.38 7.37 8.89
C PRO A 128 -2.89 7.13 8.63
N TRP A 129 -2.42 7.60 7.48
CA TRP A 129 -1.01 7.46 7.09
C TRP A 129 -0.61 8.72 6.35
N PHE A 130 0.70 8.99 6.30
CA PHE A 130 1.20 10.15 5.57
C PHE A 130 1.31 9.62 4.14
N GLU A 131 0.16 9.50 3.49
CA GLU A 131 0.08 8.92 2.15
C GLU A 131 -0.25 9.81 0.96
N GLY A 132 -0.40 11.11 1.18
CA GLY A 132 -0.71 11.99 0.07
C GLY A 132 -0.73 13.45 0.47
N ARG A 133 -0.26 14.33 -0.41
CA ARG A 133 -0.27 15.75 -0.10
C ARG A 133 -1.68 16.32 -0.15
N ALA A 134 -1.95 17.29 0.71
CA ALA A 134 -3.26 17.93 0.79
C ALA A 134 -3.54 18.70 -0.50
N ALA A 135 -4.82 19.02 -0.71
CA ALA A 135 -5.23 19.74 -1.92
C ALA A 135 -4.85 21.22 -1.90
N ASP A 136 -4.62 21.75 -0.69
CA ASP A 136 -4.26 23.15 -0.56
C ASP A 136 -2.74 23.34 -0.55
N PRO A 137 -2.27 24.58 -0.66
CA PRO A 137 -0.83 24.88 -0.67
C PRO A 137 0.02 24.33 0.46
N SER A 138 -0.59 23.96 1.58
CA SER A 138 0.19 23.44 2.69
C SER A 138 0.81 22.09 2.33
N GLY A 139 0.30 21.46 1.28
CA GLY A 139 0.84 20.18 0.86
C GLY A 139 2.03 20.28 -0.07
N GLU A 140 2.33 21.49 -0.51
CA GLU A 140 3.44 21.74 -1.43
C GLU A 140 4.72 20.97 -1.11
N HIS A 141 5.18 21.06 0.12
CA HIS A 141 6.42 20.38 0.50
C HIS A 141 6.44 18.88 0.27
N TRP A 142 5.29 18.24 0.42
CA TRP A 142 5.23 16.80 0.26
C TRP A 142 5.31 16.37 -1.21
N LYS A 143 5.47 17.33 -2.11
CA LYS A 143 5.60 17.01 -3.54
C LYS A 143 6.91 16.25 -3.78
N ASN A 144 7.89 16.45 -2.92
CA ASN A 144 9.15 15.75 -3.10
C ASN A 144 9.86 15.32 -1.82
N ASP A 145 9.06 14.98 -0.81
CA ASP A 145 9.56 14.49 0.47
C ASP A 145 8.62 13.31 0.74
N GLU A 146 9.18 12.11 0.85
CA GLU A 146 8.38 10.91 1.06
C GLU A 146 7.46 10.95 2.28
N GLY A 147 7.84 11.71 3.30
CA GLY A 147 7.01 11.77 4.49
C GLY A 147 7.53 10.82 5.56
N PRO A 148 7.17 11.04 6.83
CA PRO A 148 7.63 10.20 7.94
C PRO A 148 7.18 8.74 7.96
N ASP A 149 6.10 8.39 7.28
CA ASP A 149 5.69 6.99 7.29
C ASP A 149 6.57 6.17 6.35
N SER A 150 6.76 6.66 5.13
CA SER A 150 7.59 5.97 4.15
C SER A 150 9.00 5.70 4.69
N SER A 151 9.59 6.70 5.34
CA SER A 151 10.94 6.51 5.90
C SER A 151 10.91 5.63 7.14
N PHE A 152 9.83 5.72 7.91
CA PHE A 152 9.70 4.90 9.12
C PHE A 152 9.69 3.43 8.77
N PHE A 153 8.92 3.06 7.73
CA PHE A 153 8.85 1.65 7.35
C PHE A 153 10.21 1.09 6.98
N VAL A 154 11.03 1.89 6.31
CA VAL A 154 12.37 1.44 5.92
C VAL A 154 13.21 1.20 7.18
N ALA A 155 13.22 2.17 8.08
CA ALA A 155 13.99 2.06 9.33
C ALA A 155 13.49 0.87 10.15
N MET A 156 12.18 0.66 10.13
CA MET A 156 11.54 -0.44 10.86
C MET A 156 12.04 -1.79 10.36
N VAL A 157 11.97 -2.00 9.04
CA VAL A 157 12.41 -3.25 8.47
C VAL A 157 13.91 -3.46 8.68
N GLN A 158 14.71 -2.40 8.49
CA GLN A 158 16.15 -2.51 8.67
C GLN A 158 16.53 -2.89 10.09
N CYS A 159 15.71 -2.47 11.05
CA CYS A 159 15.97 -2.77 12.45
C CYS A 159 15.57 -4.22 12.78
N VAL A 160 14.40 -4.64 12.30
CA VAL A 160 13.94 -6.00 12.57
C VAL A 160 14.93 -6.99 11.97
N GLY A 161 15.56 -6.59 10.86
CA GLY A 161 16.52 -7.44 10.19
C GLY A 161 17.78 -7.77 10.98
N THR A 162 17.97 -7.11 12.12
CA THR A 162 19.15 -7.37 12.93
C THR A 162 18.87 -8.52 13.90
N LYS A 163 17.59 -8.85 14.09
CA LYS A 163 17.21 -9.92 15.01
C LYS A 163 16.69 -11.15 14.26
N TYR A 164 16.04 -10.93 13.13
CA TYR A 164 15.52 -12.01 12.32
C TYR A 164 16.12 -11.94 10.93
N LYS A 165 16.37 -13.11 10.34
CA LYS A 165 16.96 -13.17 9.01
C LYS A 165 15.92 -12.79 7.97
N LEU A 166 16.14 -11.67 7.31
CA LEU A 166 15.20 -11.19 6.28
C LEU A 166 15.83 -11.22 4.90
N ASP A 167 15.03 -11.61 3.91
CA ASP A 167 15.46 -11.68 2.52
C ASP A 167 15.39 -10.27 1.93
N ALA A 168 16.56 -9.66 1.71
CA ALA A 168 16.63 -8.30 1.18
C ALA A 168 16.04 -8.13 -0.22
N ARG A 169 15.84 -9.23 -0.93
CA ARG A 169 15.27 -9.16 -2.28
C ARG A 169 13.77 -9.44 -2.26
N ARG A 170 13.22 -9.66 -1.07
CA ARG A 170 11.80 -9.94 -0.96
C ARG A 170 11.11 -9.18 0.17
N LEU A 171 11.29 -7.86 0.15
CA LEU A 171 10.67 -7.00 1.16
C LEU A 171 9.41 -6.42 0.51
N PHE A 172 8.25 -6.87 0.95
CA PHE A 172 6.98 -6.44 0.38
C PHE A 172 6.08 -5.74 1.38
N LEU A 173 5.34 -4.74 0.90
CA LEU A 173 4.40 -4.05 1.78
C LEU A 173 3.08 -3.93 1.03
N GLY A 174 2.00 -3.73 1.77
CA GLY A 174 0.71 -3.61 1.13
C GLY A 174 -0.34 -3.24 2.15
N GLY A 175 -1.54 -2.98 1.67
CA GLY A 175 -2.60 -2.60 2.58
C GLY A 175 -3.90 -2.30 1.88
N ILE A 176 -4.91 -2.00 2.68
CA ILE A 176 -6.24 -1.71 2.20
C ILE A 176 -6.65 -0.27 2.45
N SER A 178 -6.68 3.41 3.01
CA SER A 178 -5.58 4.36 3.20
C SER A 178 -4.24 3.61 3.22
N GLY A 179 -4.27 2.36 3.67
CA GLY A 179 -3.05 1.56 3.69
C GLY A 179 -2.63 1.22 2.28
N GLY A 180 -3.61 1.18 1.37
CA GLY A 180 -3.33 0.89 -0.03
C GLY A 180 -2.72 2.14 -0.65
N THR A 181 -3.21 3.31 -0.24
CA THR A 181 -2.71 4.58 -0.73
C THR A 181 -1.26 4.72 -0.27
N MET A 182 -1.01 4.35 0.98
CA MET A 182 0.33 4.43 1.55
C MET A 182 1.27 3.49 0.79
N THR A 183 0.75 2.35 0.36
CA THR A 183 1.57 1.39 -0.38
C THR A 183 2.01 2.05 -1.69
N ASN A 184 1.06 2.69 -2.37
CA ASN A 184 1.39 3.38 -3.61
C ASN A 184 2.48 4.42 -3.40
N ARG A 185 2.35 5.23 -2.35
CA ARG A 185 3.34 6.27 -2.07
C ARG A 185 4.70 5.68 -1.76
N ALA A 186 4.72 4.65 -0.93
CA ALA A 186 5.97 4.00 -0.54
C ALA A 186 6.71 3.42 -1.75
N LEU A 187 5.96 2.84 -2.68
CA LEU A 187 6.56 2.25 -3.87
C LEU A 187 7.16 3.32 -4.79
N LEU A 188 6.53 4.48 -4.83
CA LEU A 188 6.98 5.58 -5.67
C LEU A 188 8.22 6.28 -5.11
N PHE A 189 8.32 6.36 -3.80
CA PHE A 189 9.45 7.03 -3.13
C PHE A 189 10.58 6.10 -2.71
N ARG A 190 10.31 4.82 -2.54
CA ARG A 190 11.33 3.88 -2.12
C ARG A 190 11.41 2.65 -3.02
N SER A 191 11.38 2.88 -4.33
CA SER A 191 11.42 1.80 -5.29
C SER A 191 12.78 1.11 -5.33
N ASN A 192 13.74 1.62 -4.57
CA ASN A 192 15.06 1.00 -4.53
C ASN A 192 15.26 0.21 -3.25
N PHE A 193 14.20 0.09 -2.46
CA PHE A 193 14.24 -0.65 -1.20
C PHE A 193 13.28 -1.84 -1.29
N TRP A 194 12.00 -1.53 -1.40
CA TRP A 194 10.97 -2.56 -1.48
C TRP A 194 11.11 -3.37 -2.76
N ALA A 195 10.74 -4.65 -2.70
CA ALA A 195 10.80 -5.50 -3.88
C ALA A 195 9.47 -5.40 -4.62
N GLY A 196 8.45 -4.90 -3.94
CA GLY A 196 7.15 -4.78 -4.56
C GLY A 196 6.08 -4.51 -3.52
N GLY A 197 4.82 -4.48 -3.94
CA GLY A 197 3.76 -4.21 -3.00
C GLY A 197 2.39 -4.65 -3.47
N LEU A 198 1.43 -4.57 -2.56
CA LEU A 198 0.06 -4.98 -2.81
C LEU A 198 -0.91 -3.86 -2.42
N PRO A 199 -1.04 -2.84 -3.28
CA PRO A 199 -1.97 -1.74 -2.96
C PRO A 199 -3.40 -2.16 -3.27
N ILE A 200 -4.17 -2.44 -2.24
CA ILE A 200 -5.56 -2.88 -2.39
C ILE A 200 -6.50 -1.70 -2.20
N SER A 201 -7.19 -1.33 -3.28
CA SER A 201 -8.14 -0.22 -3.26
C SER A 201 -7.56 1.02 -2.59
N GLY A 202 -6.41 1.45 -3.11
CA GLY A 202 -5.78 2.64 -2.57
C GLY A 202 -6.04 3.79 -3.52
N GLU A 203 -5.87 5.02 -3.03
CA GLU A 203 -6.08 6.21 -3.85
C GLU A 203 -4.80 6.58 -4.60
N TRP A 204 -4.95 7.44 -5.59
CA TRP A 204 -3.85 7.96 -6.39
C TRP A 204 -3.94 9.49 -6.30
N TYR A 205 -5.13 9.98 -5.97
CA TYR A 205 -5.39 11.42 -5.84
C TYR A 205 -4.99 12.11 -7.14
N VAL A 206 -5.54 11.64 -8.24
CA VAL A 206 -5.22 12.19 -9.55
C VAL A 206 -5.26 13.72 -9.64
N THR A 207 -4.25 14.29 -10.28
CA THR A 207 -4.15 15.74 -10.46
C THR A 207 -3.95 16.00 -11.95
N SER A 208 -3.90 17.27 -12.33
CA SER A 208 -3.66 17.61 -13.72
C SER A 208 -2.16 17.36 -13.96
N ASP A 209 -1.73 17.37 -15.22
CA ASP A 209 -0.32 17.15 -15.52
C ASP A 209 0.58 18.17 -14.83
N ASP A 210 0.10 19.40 -14.65
CA ASP A 210 0.91 20.43 -14.01
C ASP A 210 0.90 20.37 -12.49
N GLY A 211 0.30 19.32 -11.94
CA GLY A 211 0.25 19.15 -10.50
C GLY A 211 -0.92 19.76 -9.76
N THR A 212 -1.77 20.51 -10.47
CA THR A 212 -2.93 21.14 -9.84
C THR A 212 -3.86 20.11 -9.21
N PRO A 213 -4.11 20.24 -7.90
CA PRO A 213 -5.01 19.29 -7.26
C PRO A 213 -6.41 19.35 -7.86
N LEU A 214 -7.02 18.19 -8.04
CA LEU A 214 -8.36 18.11 -8.60
C LEU A 214 -9.33 17.62 -7.54
N SER A 215 -10.57 18.09 -7.61
CA SER A 215 -11.60 17.67 -6.67
C SER A 215 -11.89 16.20 -6.94
N PHE A 216 -12.62 15.56 -6.04
CA PHE A 216 -12.98 14.16 -6.25
C PHE A 216 -13.64 13.99 -7.62
N ASP A 217 -14.65 14.82 -7.88
CA ASP A 217 -15.37 14.74 -9.15
C ASP A 217 -14.47 14.94 -10.37
N ASP A 218 -13.63 15.98 -10.34
CA ASP A 218 -12.75 16.27 -11.46
C ASP A 218 -11.69 15.20 -11.67
N ALA A 219 -11.16 14.64 -10.59
CA ALA A 219 -10.15 13.60 -10.68
C ALA A 219 -10.79 12.35 -11.29
N ARG A 220 -12.03 12.09 -10.90
CA ARG A 220 -12.77 10.95 -11.38
C ARG A 220 -12.99 11.07 -12.89
N ALA A 221 -13.37 12.26 -13.33
CA ALA A 221 -13.62 12.52 -14.74
C ALA A 221 -12.36 12.53 -15.60
N ALA A 222 -11.24 12.94 -15.01
CA ALA A 222 -9.98 13.00 -15.74
C ALA A 222 -9.57 11.61 -16.22
N VAL A 223 -9.67 10.63 -15.34
CA VAL A 223 -9.28 9.27 -15.71
C VAL A 223 -10.28 8.69 -16.72
N ALA A 224 -11.56 8.95 -16.51
CA ALA A 224 -12.58 8.44 -17.43
C ALA A 224 -12.36 8.97 -18.84
N ALA A 225 -11.87 10.20 -18.96
CA ALA A 225 -11.62 10.81 -20.26
C ALA A 225 -10.33 10.32 -20.92
N ALA A 226 -9.42 9.77 -20.12
CA ALA A 226 -8.15 9.26 -20.65
C ALA A 226 -7.72 8.09 -19.77
N PRO A 227 -8.48 6.99 -19.83
CA PRO A 227 -8.23 5.77 -19.06
C PRO A 227 -6.93 5.00 -19.28
N THR A 228 -6.24 5.27 -20.38
CA THR A 228 -4.99 4.55 -20.67
C THR A 228 -3.74 5.40 -20.46
N LYS A 229 -3.92 6.65 -20.07
CA LYS A 229 -2.76 7.52 -19.88
C LYS A 229 -2.20 7.50 -18.46
N ILE A 230 -0.97 7.96 -18.33
CA ILE A 230 -0.33 8.03 -17.03
C ILE A 230 -0.78 9.35 -16.41
N HIS A 231 -1.44 9.26 -15.26
CA HIS A 231 -1.94 10.43 -14.55
C HIS A 231 -1.08 10.75 -13.35
N GLN A 232 -0.83 12.04 -13.15
CA GLN A 232 -0.07 12.50 -11.99
C GLN A 232 -1.00 12.32 -10.79
N GLY A 233 -0.44 12.33 -9.58
CA GLY A 233 -1.28 12.16 -8.41
C GLY A 233 -0.63 12.65 -7.14
N ARG A 234 -1.45 13.13 -6.20
CA ARG A 234 -0.95 13.64 -4.93
C ARG A 234 -0.40 12.53 -4.04
N VAL A 235 -0.63 11.27 -4.43
CA VAL A 235 -0.13 10.15 -3.66
C VAL A 235 1.39 10.04 -3.79
N GLY A 236 1.94 10.54 -4.89
CA GLY A 236 3.37 10.43 -5.08
C GLY A 236 4.13 11.73 -5.26
N PRO A 237 5.37 11.63 -5.75
CA PRO A 237 6.20 12.81 -5.97
C PRO A 237 5.59 13.58 -7.13
N TYR A 238 5.89 14.86 -7.23
CA TYR A 238 5.41 15.63 -8.39
C TYR A 238 6.63 16.24 -9.07
N PRO A 239 6.86 15.88 -10.35
CA PRO A 239 6.05 14.93 -11.11
C PRO A 239 6.43 13.51 -10.72
N LEU A 240 5.67 12.54 -11.20
CA LEU A 240 5.97 11.14 -10.91
C LEU A 240 7.34 10.84 -11.49
N PRO A 241 8.09 9.90 -10.88
CA PRO A 241 9.41 9.57 -11.39
C PRO A 241 9.39 8.97 -12.80
N ALA A 242 10.39 9.35 -13.61
CA ALA A 242 10.48 8.86 -14.97
C ALA A 242 10.80 7.36 -14.98
N LYS A 243 11.55 6.93 -13.97
CA LYS A 243 11.90 5.52 -13.86
C LYS A 243 12.06 5.14 -12.40
N VAL A 244 11.49 4.00 -12.03
CA VAL A 244 11.58 3.52 -10.67
C VAL A 244 12.43 2.26 -10.62
N GLY A 245 12.84 1.88 -9.42
CA GLY A 245 13.65 0.68 -9.25
C GLY A 245 12.84 -0.56 -9.58
N PRO A 246 13.49 -1.74 -9.64
CA PRO A 246 12.84 -3.02 -9.96
C PRO A 246 11.78 -3.42 -8.93
N LEU A 247 10.58 -3.71 -9.41
CA LEU A 247 9.47 -4.07 -8.52
C LEU A 247 8.45 -4.96 -9.19
N ILE A 248 7.60 -5.53 -8.34
CA ILE A 248 6.44 -6.28 -8.81
C ILE A 248 5.32 -5.65 -7.99
N VAL A 249 4.31 -5.14 -8.66
CA VAL A 249 3.20 -4.49 -7.98
C VAL A 249 1.90 -5.14 -8.38
N MET A 250 1.08 -5.47 -7.38
CA MET A 250 -0.21 -6.09 -7.63
C MET A 250 -1.26 -5.14 -7.12
N THR A 251 -2.00 -4.51 -8.03
CA THR A 251 -3.05 -3.57 -7.65
C THR A 251 -4.39 -4.30 -7.67
N VAL A 252 -5.19 -4.12 -6.62
CA VAL A 252 -6.49 -4.78 -6.53
C VAL A 252 -7.67 -3.82 -6.47
N TRP A 253 -8.68 -4.10 -7.30
CA TRP A 253 -9.91 -3.30 -7.36
C TRP A 253 -11.05 -4.19 -6.88
N GLY A 254 -11.94 -3.65 -6.05
CA GLY A 254 -13.04 -4.42 -5.49
C GLY A 254 -14.35 -4.42 -6.23
N GLY A 255 -14.36 -3.89 -7.44
CA GLY A 255 -15.59 -3.88 -8.22
C GLY A 255 -16.44 -2.63 -8.13
N GLU A 256 -17.67 -2.76 -8.63
CA GLU A 256 -18.64 -1.67 -8.67
C GLU A 256 -18.90 -0.95 -7.36
N LYS A 257 -18.82 -1.67 -6.24
CA LYS A 257 -19.06 -1.09 -4.94
C LYS A 257 -17.79 -0.64 -4.21
N ASP A 258 -16.67 -0.66 -4.91
CA ASP A 258 -15.40 -0.24 -4.30
C ASP A 258 -15.35 1.28 -4.27
N LEU A 259 -16.04 1.83 -3.26
CA LEU A 259 -16.15 3.27 -3.07
C LEU A 259 -16.01 3.57 -1.59
N TRP A 260 -15.75 4.83 -1.25
CA TRP A 260 -15.66 5.21 0.16
C TRP A 260 -16.47 6.46 0.42
N ASN A 261 -17.29 6.41 1.44
CA ASN A 261 -18.12 7.53 1.83
C ASN A 261 -17.51 8.15 3.08
N CYS A 262 -17.18 9.43 3.00
CA CYS A 262 -16.61 10.15 4.11
C CYS A 262 -17.72 10.53 5.08
N THR A 263 -17.35 10.94 6.28
CA THR A 263 -18.33 11.34 7.29
C THR A 263 -18.08 12.78 7.71
N ARG A 264 -19.14 13.61 7.65
CA ARG A 264 -19.02 15.01 8.03
C ARG A 264 -19.06 15.13 9.54
N PRO A 265 -18.66 16.30 10.08
CA PRO A 265 -18.67 16.47 11.54
C PRO A 265 -20.05 16.20 12.15
N ASP A 266 -21.11 16.37 11.36
CA ASP A 266 -22.46 16.14 11.85
C ASP A 266 -22.91 14.68 11.71
N GLY A 267 -22.03 13.83 11.20
CA GLY A 267 -22.37 12.43 11.05
C GLY A 267 -22.88 11.99 9.69
N SER A 268 -23.27 12.95 8.84
CA SER A 268 -23.77 12.62 7.51
C SER A 268 -22.65 12.03 6.65
N ARG A 269 -23.04 11.21 5.68
CA ARG A 269 -22.06 10.57 4.79
C ARG A 269 -22.14 11.10 3.36
N PHE A 270 -21.02 11.06 2.65
CA PHE A 270 -20.98 11.53 1.27
C PHE A 270 -19.82 10.88 0.53
N LEU A 271 -20.01 10.58 -0.75
CA LEU A 271 -18.99 9.94 -1.57
C LEU A 271 -17.75 10.82 -1.72
N CYS A 272 -16.58 10.29 -1.36
CA CYS A 272 -15.36 11.07 -1.46
C CYS A 272 -14.22 10.33 -2.14
N ALA A 273 -14.45 9.07 -2.49
CA ALA A 273 -13.41 8.28 -3.16
C ALA A 273 -14.00 7.14 -4.00
N ASP A 274 -13.48 7.01 -5.21
CA ASP A 274 -13.90 5.95 -6.14
C ASP A 274 -12.60 5.28 -6.53
N TYR A 275 -12.46 3.99 -6.23
CA TYR A 275 -11.21 3.31 -6.52
C TYR A 275 -11.03 2.73 -7.91
N ARG A 276 -12.00 2.97 -8.79
CA ARG A 276 -11.89 2.51 -10.16
C ARG A 276 -10.80 3.36 -10.82
N PRO A 277 -10.93 4.70 -10.76
CA PRO A 277 -9.89 5.53 -11.40
C PRO A 277 -8.50 5.43 -10.76
N SER A 278 -8.45 5.27 -9.44
CA SER A 278 -7.16 5.20 -8.75
C SER A 278 -6.43 3.88 -9.02
N THR A 279 -7.15 2.77 -9.06
CA THR A 279 -6.48 1.50 -9.34
C THR A 279 -6.07 1.50 -10.82
N GLN A 280 -6.90 2.10 -11.67
CA GLN A 280 -6.56 2.16 -13.09
C GLN A 280 -5.30 3.00 -13.26
N ALA A 281 -5.29 4.17 -12.65
CA ALA A 281 -4.15 5.09 -12.74
C ALA A 281 -2.87 4.44 -12.25
N GLY A 282 -2.95 3.75 -11.12
CA GLY A 282 -1.78 3.08 -10.59
C GLY A 282 -1.28 2.01 -11.56
N SER A 283 -2.19 1.21 -12.09
CA SER A 283 -1.82 0.15 -13.02
C SER A 283 -1.18 0.73 -14.28
N ASN A 284 -1.65 1.88 -14.71
CA ASN A 284 -1.11 2.51 -15.91
C ASN A 284 0.34 2.93 -15.68
N PHE A 285 0.61 3.54 -14.54
CA PHE A 285 1.96 3.99 -14.25
C PHE A 285 2.93 2.83 -14.09
N PHE A 286 2.58 1.88 -13.23
CA PHE A 286 3.46 0.74 -12.99
C PHE A 286 3.63 -0.17 -14.19
N SER A 287 2.60 -0.31 -15.02
CA SER A 287 2.72 -1.15 -16.20
C SER A 287 3.69 -0.55 -17.20
N ALA A 288 3.69 0.78 -17.32
CA ALA A 288 4.57 1.46 -18.25
C ALA A 288 6.05 1.34 -17.88
N GLN A 289 6.32 1.14 -16.59
CA GLN A 289 7.70 1.01 -16.12
C GLN A 289 8.35 -0.28 -16.62
N PRO A 290 9.53 -0.16 -17.25
CA PRO A 290 10.25 -1.32 -17.79
C PRO A 290 10.75 -2.36 -16.80
N ASP A 291 11.12 -1.92 -15.60
CA ASP A 291 11.61 -2.85 -14.59
C ASP A 291 10.56 -3.20 -13.55
N VAL A 292 9.29 -3.00 -13.89
CA VAL A 292 8.21 -3.31 -12.97
C VAL A 292 7.23 -4.28 -13.59
N VAL A 293 6.91 -5.35 -12.86
CA VAL A 293 5.93 -6.31 -13.32
C VAL A 293 4.65 -5.88 -12.61
N HIS A 294 3.63 -5.51 -13.38
CA HIS A 294 2.39 -5.11 -12.74
C HIS A 294 1.29 -6.12 -12.98
N VAL A 295 0.62 -6.51 -11.91
CA VAL A 295 -0.47 -7.46 -12.00
C VAL A 295 -1.74 -6.74 -11.56
N ALA A 296 -2.73 -6.70 -12.45
CA ALA A 296 -4.01 -6.05 -12.14
C ALA A 296 -5.01 -7.13 -11.77
N CYS A 297 -5.58 -7.02 -10.57
CA CYS A 297 -6.56 -7.98 -10.09
C CYS A 297 -7.89 -7.31 -9.77
N SER A 298 -8.99 -7.97 -10.15
CA SER A 298 -10.32 -7.45 -9.89
C SER A 298 -11.15 -8.47 -9.14
N SER A 299 -11.97 -7.99 -8.20
CA SER A 299 -12.86 -8.86 -7.46
C SER A 299 -14.19 -8.13 -7.30
N THR A 300 -15.08 -8.64 -6.45
CA THR A 300 -16.40 -8.03 -6.28
C THR A 300 -16.78 -7.79 -4.82
N HIS A 301 -15.78 -7.81 -3.94
CA HIS A 301 -16.01 -7.65 -2.51
C HIS A 301 -16.26 -6.20 -2.04
N GLY A 302 -16.04 -5.24 -2.93
CA GLY A 302 -16.25 -3.85 -2.55
C GLY A 302 -15.00 -3.17 -2.03
N HIS A 303 -15.16 -2.29 -1.05
CA HIS A 303 -14.03 -1.57 -0.47
C HIS A 303 -13.69 -2.04 0.94
N MET A 304 -13.00 -3.18 1.00
CA MET A 304 -12.59 -3.78 2.26
C MET A 304 -11.57 -4.85 1.89
N TRP A 305 -10.98 -5.50 2.88
CA TRP A 305 -9.99 -6.52 2.56
C TRP A 305 -10.68 -7.60 1.74
N PRO A 306 -10.01 -8.16 0.73
CA PRO A 306 -10.61 -9.22 -0.09
C PRO A 306 -11.39 -10.19 0.78
N GLN A 307 -12.67 -10.36 0.46
CA GLN A 307 -13.58 -11.21 1.24
C GLN A 307 -13.76 -12.66 0.77
N LEU A 308 -13.63 -12.88 -0.54
CA LEU A 308 -13.79 -14.22 -1.09
C LEU A 308 -12.49 -15.01 -0.96
N ASN A 309 -12.55 -16.14 -0.26
CA ASN A 309 -11.37 -16.99 -0.07
C ASN A 309 -10.20 -16.09 0.36
N THR A 310 -10.45 -15.29 1.39
CA THR A 310 -9.47 -14.34 1.92
C THR A 310 -8.05 -14.87 2.12
N GLN A 311 -7.90 -15.94 2.90
CA GLN A 311 -6.56 -16.48 3.15
C GLN A 311 -5.95 -17.08 1.88
N GLU A 312 -6.78 -17.70 1.04
CA GLU A 312 -6.29 -18.25 -0.21
C GLU A 312 -5.70 -17.11 -1.01
N PHE A 313 -6.39 -15.97 -1.00
CA PHE A 313 -5.91 -14.82 -1.74
C PHE A 313 -4.60 -14.29 -1.16
N ASN A 314 -4.53 -14.13 0.16
CA ASN A 314 -3.31 -13.63 0.78
C ASN A 314 -2.13 -14.52 0.42
N ARG A 315 -2.33 -15.83 0.47
CA ARG A 315 -1.27 -16.78 0.14
C ARG A 315 -0.88 -16.66 -1.32
N TRP A 316 -1.87 -16.63 -2.20
CA TRP A 316 -1.62 -16.52 -3.63
C TRP A 316 -0.91 -15.21 -3.97
N ALA A 317 -1.41 -14.11 -3.41
CA ALA A 317 -0.84 -12.79 -3.67
C ALA A 317 0.61 -12.66 -3.22
N LEU A 318 0.89 -13.01 -1.96
CA LEU A 318 2.25 -12.89 -1.46
C LEU A 318 3.21 -13.84 -2.17
N ASP A 319 2.78 -15.06 -2.42
CA ASP A 319 3.65 -16.01 -3.10
C ASP A 319 3.92 -15.55 -4.53
N THR A 320 2.95 -14.85 -5.13
CA THR A 320 3.13 -14.33 -6.48
C THR A 320 4.19 -13.23 -6.43
N LEU A 321 4.09 -12.34 -5.45
CA LEU A 321 5.08 -11.28 -5.32
C LEU A 321 6.46 -11.88 -5.07
N ALA A 322 6.52 -12.89 -4.21
CA ALA A 322 7.79 -13.53 -3.88
C ALA A 322 8.42 -14.25 -5.07
N SER A 323 7.62 -14.58 -6.07
CA SER A 323 8.15 -15.27 -7.25
C SER A 323 8.94 -14.32 -8.13
N HIS A 324 8.94 -13.04 -7.77
CA HIS A 324 9.67 -12.04 -8.53
C HIS A 324 10.57 -11.25 -7.58
N PRO A 325 11.65 -11.89 -7.08
CA PRO A 325 12.55 -11.19 -6.17
C PRO A 325 13.15 -9.96 -6.85
N LYS A 326 13.52 -8.97 -6.05
CA LYS A 326 14.05 -7.72 -6.60
C LYS A 326 15.24 -7.90 -7.55
N GLY A 327 15.09 -7.37 -8.75
CA GLY A 327 16.16 -7.47 -9.73
C GLY A 327 15.89 -8.54 -10.76
N SER A 328 14.84 -9.32 -10.55
CA SER A 328 14.47 -10.39 -11.48
C SER A 328 14.03 -9.83 -12.82
N ASP A 329 14.22 -10.60 -13.88
CA ASP A 329 13.83 -10.20 -15.22
C ASP A 329 12.32 -10.32 -15.36
N PRO A 330 11.63 -9.22 -15.70
CA PRO A 330 10.17 -9.27 -15.85
C PRO A 330 9.72 -10.32 -16.85
N ARG A 331 10.58 -10.62 -17.82
CA ARG A 331 10.26 -11.61 -18.84
C ARG A 331 10.25 -13.03 -18.30
N SER A 332 10.77 -13.23 -17.10
CA SER A 332 10.82 -14.54 -16.49
C SER A 332 9.61 -14.79 -15.60
N PHE A 333 8.84 -13.74 -15.34
CA PHE A 333 7.66 -13.84 -14.49
C PHE A 333 6.56 -14.70 -15.12
N LYS A 334 5.96 -15.56 -14.31
CA LYS A 334 4.90 -16.43 -14.77
C LYS A 334 3.72 -16.39 -13.81
N LEU A 335 2.66 -15.68 -14.21
CA LEU A 335 1.48 -15.55 -13.38
C LEU A 335 0.69 -16.86 -13.31
N THR A 336 0.23 -17.21 -12.11
CA THR A 336 -0.57 -18.41 -11.95
C THR A 336 -2.00 -17.97 -11.67
N GLN A 337 -2.94 -18.89 -11.84
CA GLN A 337 -4.36 -18.62 -11.63
C GLN A 337 -4.68 -18.22 -10.19
N PRO A 338 -5.39 -17.10 -10.00
CA PRO A 338 -5.73 -16.68 -8.64
C PRO A 338 -6.92 -17.48 -8.12
N PRO A 339 -7.24 -17.34 -6.82
CA PRO A 339 -8.36 -18.08 -6.22
C PRO A 339 -9.68 -17.72 -6.89
N GLU A 340 -10.68 -18.58 -6.72
CA GLU A 340 -11.99 -18.32 -7.29
C GLU A 340 -12.48 -17.00 -6.71
N GLY A 341 -13.03 -16.14 -7.57
CA GLY A 341 -13.53 -14.85 -7.12
C GLY A 341 -12.64 -13.69 -7.55
N TYR A 342 -11.54 -14.01 -8.21
CA TYR A 342 -10.58 -13.01 -8.68
C TYR A 342 -10.22 -13.20 -10.14
N THR A 343 -10.00 -12.08 -10.82
CA THR A 343 -9.58 -12.10 -12.22
C THR A 343 -8.35 -11.22 -12.27
N CYS A 344 -7.21 -11.80 -12.64
CA CYS A 344 -5.97 -11.04 -12.70
C CYS A 344 -5.20 -11.30 -13.99
N HIS A 345 -4.33 -10.37 -14.34
CA HIS A 345 -3.49 -10.48 -15.53
C HIS A 345 -2.36 -9.47 -15.42
N VAL A 346 -1.29 -9.71 -16.15
CA VAL A 346 -0.17 -8.79 -16.13
C VAL A 346 -0.51 -7.59 -17.01
N GLY A 347 -0.16 -6.40 -16.56
CA GLY A 347 -0.44 -5.20 -17.33
C GLY A 347 -1.43 -4.28 -16.64
N PRO A 348 -1.89 -3.23 -17.32
CA PRO A 348 -2.85 -2.31 -16.71
C PRO A 348 -4.26 -2.90 -16.69
N PHE A 349 -5.13 -2.33 -15.88
CA PHE A 349 -6.51 -2.81 -15.83
C PHE A 349 -7.12 -2.62 -17.21
N THR A 350 -8.05 -3.49 -17.58
CA THR A 350 -8.70 -3.40 -18.89
C THR A 350 -10.21 -3.51 -18.80
N GLY A 351 -10.72 -4.02 -17.68
CA GLY A 351 -12.17 -4.17 -17.55
C GLY A 351 -12.87 -3.07 -16.78
N LEU A 352 -12.22 -1.92 -16.63
CA LEU A 352 -12.80 -0.81 -15.87
C LEU A 352 -13.35 0.33 -16.72
N TYR A 353 -12.76 0.53 -17.88
CA TYR A 353 -13.18 1.58 -18.81
C TYR A 353 -13.23 1.00 -20.22
N ALA A 354 -14.13 1.51 -21.04
CA ALA A 354 -14.24 1.04 -22.42
C ALA A 354 -12.97 1.39 -23.17
N SER A 355 -12.55 0.52 -24.09
CA SER A 355 -11.34 0.76 -24.86
C SER A 355 -11.61 1.70 -26.02
N ALA A 356 -10.56 2.35 -26.51
CA ALA A 356 -10.68 3.30 -27.61
C ALA A 356 -11.19 2.63 -28.88
N TRP A 357 -10.55 1.54 -29.27
CA TRP A 357 -10.93 0.79 -30.48
C TRP A 357 -12.40 0.39 -30.47
N SER A 358 -13.03 0.47 -29.30
CA SER A 358 -14.44 0.11 -29.17
C SER A 358 -15.33 1.31 -29.51
#